data_4RRR
#
_entry.id   4RRR
#
_cell.length_a   38.586
_cell.length_b   66.312
_cell.length_c   93.688
_cell.angle_alpha   90.00
_cell.angle_beta   90.00
_cell.angle_gamma   90.00
#
_symmetry.space_group_name_H-M   'P 21 21 21'
#
loop_
_entity.id
_entity.type
_entity.pdbx_description
1 polymer 'Threonine--tRNA ligase'
2 non-polymer "3'-deoxy-3'-(L-threonylamino)adenosine"
3 water water
#
_entity_poly.entity_id   1
_entity_poly.type   'polypeptide(L)'
_entity_poly.pdbx_seq_one_letter_code
;MRVLLIHSDYIEYEVKDKALKNPEPISEDMKRGRMEEVLVAFISVEKVDEKNPEEVSLKAIEEISKVAEQVKAENVFVYP
FAHLSSELAKPSVAMDILNRVYQGLKERGFNVGKAPFGYYMAFKISCKGHPLAELSRTIVPEEARVE
;
_entity_poly.pdbx_strand_id   A,B
#
loop_
_chem_comp.id
_chem_comp.type
_chem_comp.name
_chem_comp.formula
A3T non-polymer 3'-deoxy-3'-(L-threonylamino)adenosine 'C14 H21 N7 O5'
#
# COMPACT_ATOMS: atom_id res chain seq x y z
N MET A 1 -9.54 9.32 6.29
CA MET A 1 -9.14 8.70 4.99
C MET A 1 -7.65 8.38 4.95
N ARG A 2 -7.33 7.23 4.39
CA ARG A 2 -5.93 6.81 4.25
C ARG A 2 -5.68 6.74 2.76
N VAL A 3 -4.64 7.42 2.31
CA VAL A 3 -4.29 7.42 0.89
C VAL A 3 -2.84 6.99 0.68
N LEU A 4 -2.64 6.06 -0.23
CA LEU A 4 -1.29 5.59 -0.57
C LEU A 4 -1.12 5.93 -2.04
N LEU A 5 -0.18 6.81 -2.32
CA LEU A 5 0.08 7.26 -3.69
C LEU A 5 1.30 6.57 -4.28
N ILE A 6 1.11 5.94 -5.43
CA ILE A 6 2.21 5.22 -6.07
C ILE A 6 2.35 5.66 -7.52
N HIS A 7 3.48 6.30 -7.84
CA HIS A 7 3.74 6.75 -9.19
C HIS A 7 4.18 5.50 -9.95
N SER A 8 3.35 5.06 -10.90
CA SER A 8 3.61 3.83 -11.63
C SER A 8 3.69 3.87 -13.15
N ASP A 9 4.39 2.89 -13.70
CA ASP A 9 4.50 2.76 -15.15
C ASP A 9 3.13 2.35 -15.67
N TYR A 10 2.35 1.69 -14.83
CA TYR A 10 1.02 1.25 -15.19
C TYR A 10 0.29 0.64 -14.00
N ILE A 11 -1.03 0.49 -14.16
CA ILE A 11 -1.87 -0.14 -13.16
C ILE A 11 -2.81 -0.97 -14.03
N GLU A 12 -3.05 -2.21 -13.63
CA GLU A 12 -3.95 -3.09 -14.38
C GLU A 12 -4.79 -3.82 -13.34
N TYR A 13 -6.09 -3.94 -13.58
CA TYR A 13 -6.94 -4.60 -12.60
C TYR A 13 -7.84 -5.65 -13.23
N GLU A 14 -8.29 -6.58 -12.41
CA GLU A 14 -9.19 -7.65 -12.85
C GLU A 14 -10.20 -7.92 -11.76
N VAL A 15 -11.47 -7.65 -12.04
CA VAL A 15 -12.53 -7.91 -11.06
C VAL A 15 -12.63 -9.42 -10.92
N LYS A 16 -12.68 -9.92 -9.68
CA LYS A 16 -12.75 -11.37 -9.48
C LYS A 16 -14.09 -11.84 -8.90
N ASP A 17 -14.64 -11.08 -7.98
CA ASP A 17 -15.91 -11.42 -7.33
C ASP A 17 -16.46 -10.19 -6.62
N LYS A 18 -17.75 -10.20 -6.32
CA LYS A 18 -18.37 -9.09 -5.61
C LYS A 18 -17.91 -9.18 -4.16
N ALA A 19 -17.64 -8.04 -3.54
CA ALA A 19 -17.20 -8.02 -2.15
C ALA A 19 -18.31 -7.43 -1.27
N LEU A 20 -19.34 -6.90 -1.92
CA LEU A 20 -20.47 -6.30 -1.23
C LEU A 20 -21.74 -6.94 -1.77
N LYS A 21 -22.85 -6.81 -1.04
CA LYS A 21 -24.11 -7.38 -1.50
C LYS A 21 -24.54 -6.63 -2.75
N ASN A 22 -24.40 -5.31 -2.72
CA ASN A 22 -24.78 -4.48 -3.85
C ASN A 22 -23.65 -3.57 -4.31
N PRO A 23 -22.68 -4.11 -5.05
CA PRO A 23 -21.55 -3.33 -5.54
C PRO A 23 -21.97 -2.30 -6.59
N GLU A 24 -21.01 -1.51 -7.04
CA GLU A 24 -21.26 -0.50 -8.05
C GLU A 24 -21.64 -1.18 -9.36
N PRO A 25 -22.76 -0.75 -9.96
CA PRO A 25 -23.17 -1.37 -11.23
C PRO A 25 -22.16 -1.10 -12.33
N ILE A 26 -21.73 -2.18 -12.99
CA ILE A 26 -20.77 -2.06 -14.08
C ILE A 26 -21.18 -3.05 -15.17
N SER A 27 -20.51 -3.00 -16.31
CA SER A 27 -20.81 -3.92 -17.40
C SER A 27 -19.61 -4.81 -17.60
N GLU A 28 -19.77 -5.83 -18.43
CA GLU A 28 -18.71 -6.81 -18.67
C GLU A 28 -17.35 -6.26 -19.07
N ASP A 29 -17.32 -5.24 -19.91
CA ASP A 29 -16.06 -4.70 -20.37
C ASP A 29 -15.27 -3.91 -19.32
N MET A 30 -15.88 -3.68 -18.17
CA MET A 30 -15.20 -2.95 -17.11
C MET A 30 -14.60 -3.92 -16.10
N LYS A 31 -14.78 -5.21 -16.33
CA LYS A 31 -14.24 -6.21 -15.41
C LYS A 31 -12.72 -6.30 -15.47
N ARG A 32 -12.13 -5.62 -16.44
CA ARG A 32 -10.68 -5.53 -16.58
C ARG A 32 -10.39 -4.09 -17.00
N GLY A 33 -9.28 -3.53 -16.54
CA GLY A 33 -8.95 -2.17 -16.89
C GLY A 33 -7.46 -1.89 -16.75
N ARG A 34 -7.01 -0.79 -17.33
CA ARG A 34 -5.61 -0.45 -17.28
C ARG A 34 -5.38 1.03 -17.56
N MET A 35 -4.28 1.57 -17.04
CA MET A 35 -3.91 2.96 -17.28
C MET A 35 -2.39 3.02 -17.23
N GLU A 36 -1.79 3.79 -18.14
CA GLU A 36 -0.33 3.91 -18.22
C GLU A 36 0.20 5.19 -17.58
N GLU A 37 1.49 5.16 -17.21
CA GLU A 37 2.18 6.33 -16.65
C GLU A 37 1.21 7.07 -15.76
N VAL A 38 0.96 6.48 -14.60
CA VAL A 38 -0.07 6.99 -13.71
C VAL A 38 0.28 7.04 -12.23
N LEU A 39 -0.32 8.01 -11.55
CA LEU A 39 -0.16 8.15 -10.11
C LEU A 39 -1.37 7.41 -9.57
N VAL A 40 -1.15 6.25 -8.95
CA VAL A 40 -2.24 5.47 -8.41
C VAL A 40 -2.55 5.93 -6.99
N ALA A 41 -3.83 6.23 -6.75
CA ALA A 41 -4.26 6.66 -5.43
C ALA A 41 -5.11 5.57 -4.79
N PHE A 42 -4.48 4.75 -3.96
CA PHE A 42 -5.17 3.68 -3.26
C PHE A 42 -5.84 4.38 -2.09
N ILE A 43 -7.17 4.28 -2.02
CA ILE A 43 -7.91 4.97 -0.99
C ILE A 43 -8.84 4.13 -0.13
N SER A 44 -8.75 4.36 1.18
CA SER A 44 -9.60 3.68 2.14
C SER A 44 -10.35 4.81 2.84
N VAL A 45 -11.68 4.83 2.68
CA VAL A 45 -12.46 5.88 3.33
C VAL A 45 -12.71 5.36 4.74
N GLU A 46 -12.39 6.19 5.73
CA GLU A 46 -12.53 5.80 7.13
C GLU A 46 -13.82 6.28 7.79
N LYS A 47 -14.20 5.61 8.88
CA LYS A 47 -15.42 5.96 9.60
C LYS A 47 -15.47 7.43 9.96
N VAL A 48 -14.35 7.98 10.39
CA VAL A 48 -14.29 9.38 10.79
C VAL A 48 -14.64 10.32 9.64
N ASP A 49 -14.51 9.86 8.41
CA ASP A 49 -14.82 10.69 7.24
C ASP A 49 -16.32 10.93 7.07
N GLU A 50 -17.15 10.04 7.61
CA GLU A 50 -18.59 10.19 7.49
C GLU A 50 -19.04 11.51 8.12
N LYS A 51 -18.22 12.05 9.02
CA LYS A 51 -18.53 13.30 9.69
C LYS A 51 -18.69 14.46 8.71
N ASN A 52 -17.84 14.48 7.67
CA ASN A 52 -17.89 15.56 6.69
C ASN A 52 -17.31 15.08 5.36
N PRO A 53 -18.12 14.37 4.56
CA PRO A 53 -17.70 13.86 3.26
C PRO A 53 -17.11 14.90 2.31
N GLU A 54 -17.77 16.05 2.24
CA GLU A 54 -17.32 17.12 1.35
C GLU A 54 -15.94 17.67 1.70
N GLU A 55 -15.69 17.91 2.99
CA GLU A 55 -14.40 18.44 3.41
C GLU A 55 -13.28 17.45 3.15
N VAL A 56 -13.52 16.18 3.46
CA VAL A 56 -12.52 15.14 3.23
C VAL A 56 -12.20 15.05 1.74
N SER A 57 -13.25 14.98 0.92
CA SER A 57 -13.10 14.89 -0.53
C SER A 57 -12.28 16.05 -1.08
N LEU A 58 -12.66 17.28 -0.73
CA LEU A 58 -11.93 18.46 -1.21
C LEU A 58 -10.45 18.38 -0.84
N LYS A 59 -10.18 17.98 0.40
CA LYS A 59 -8.80 17.86 0.87
C LYS A 59 -8.06 16.73 0.16
N ALA A 60 -8.75 15.63 -0.12
CA ALA A 60 -8.14 14.51 -0.83
C ALA A 60 -7.77 14.96 -2.23
N ILE A 61 -8.70 15.65 -2.87
CA ILE A 61 -8.47 16.15 -4.22
C ILE A 61 -7.25 17.06 -4.26
N GLU A 62 -7.12 17.90 -3.24
CA GLU A 62 -6.01 18.84 -3.15
C GLU A 62 -4.67 18.12 -2.96
N GLU A 63 -4.63 17.20 -2.00
CA GLU A 63 -3.39 16.46 -1.73
C GLU A 63 -2.94 15.58 -2.90
N ILE A 64 -3.88 14.85 -3.50
CA ILE A 64 -3.54 13.99 -4.62
C ILE A 64 -3.03 14.83 -5.78
N SER A 65 -3.73 15.93 -6.05
CA SER A 65 -3.36 16.84 -7.12
C SER A 65 -1.96 17.42 -6.93
N LYS A 66 -1.63 17.79 -5.70
CA LYS A 66 -0.32 18.36 -5.41
C LYS A 66 0.81 17.39 -5.71
N VAL A 67 0.61 16.11 -5.39
CA VAL A 67 1.62 15.09 -5.64
C VAL A 67 1.76 14.84 -7.14
N ALA A 68 0.64 14.77 -7.84
CA ALA A 68 0.66 14.54 -9.29
C ALA A 68 1.49 15.63 -9.94
N GLU A 69 1.20 16.87 -9.58
CA GLU A 69 1.92 18.01 -10.14
C GLU A 69 3.42 17.85 -9.90
N GLN A 70 3.79 17.48 -8.67
CA GLN A 70 5.19 17.30 -8.32
C GLN A 70 5.93 16.27 -9.18
N VAL A 71 5.33 15.10 -9.37
CA VAL A 71 5.95 14.05 -10.15
C VAL A 71 5.66 14.10 -11.65
N LYS A 72 4.99 15.15 -12.11
CA LYS A 72 4.65 15.29 -13.52
C LYS A 72 3.71 14.19 -13.99
N ALA A 73 2.83 13.74 -13.12
CA ALA A 73 1.88 12.71 -13.51
C ALA A 73 0.66 13.39 -14.12
N GLU A 74 0.34 13.03 -15.35
CA GLU A 74 -0.79 13.59 -16.07
C GLU A 74 -2.03 12.71 -15.91
N ASN A 75 -1.78 11.47 -15.53
CA ASN A 75 -2.83 10.47 -15.34
C ASN A 75 -2.90 10.07 -13.87
N VAL A 76 -4.11 10.03 -13.32
CA VAL A 76 -4.33 9.66 -11.93
C VAL A 76 -5.40 8.57 -11.94
N PHE A 77 -5.22 7.56 -11.08
CA PHE A 77 -6.16 6.45 -11.02
C PHE A 77 -6.67 6.26 -9.60
N VAL A 78 -7.98 6.42 -9.40
CA VAL A 78 -8.58 6.28 -8.07
C VAL A 78 -8.89 4.81 -7.84
N TYR A 79 -8.20 4.21 -6.89
CA TYR A 79 -8.36 2.78 -6.63
C TYR A 79 -8.95 2.46 -5.27
N PRO A 80 -10.21 1.99 -5.23
CA PRO A 80 -10.83 1.66 -3.94
C PRO A 80 -9.96 0.60 -3.26
N PHE A 81 -9.44 0.92 -2.07
CA PHE A 81 -8.58 -0.02 -1.35
C PHE A 81 -8.97 0.04 0.13
N ALA A 82 -10.11 -0.56 0.45
CA ALA A 82 -10.64 -0.53 1.81
C ALA A 82 -9.69 -0.95 2.92
N HIS A 83 -8.94 -2.02 2.70
CA HIS A 83 -8.06 -2.52 3.74
C HIS A 83 -6.75 -1.81 4.02
N LEU A 84 -6.67 -0.54 3.63
CA LEU A 84 -5.48 0.26 3.90
C LEU A 84 -5.67 0.77 5.33
N SER A 85 -6.88 0.59 5.85
CA SER A 85 -7.24 1.02 7.21
C SER A 85 -8.14 -0.02 7.89
N SER A 86 -8.33 0.12 9.19
CA SER A 86 -9.17 -0.82 9.94
C SER A 86 -10.57 -0.30 10.27
N GLU A 87 -10.71 1.00 10.42
CA GLU A 87 -12.01 1.59 10.73
C GLU A 87 -12.63 2.12 9.45
N LEU A 88 -13.34 1.25 8.74
CA LEU A 88 -13.93 1.61 7.47
C LEU A 88 -15.25 2.38 7.55
N ALA A 89 -15.42 3.34 6.65
CA ALA A 89 -16.65 4.09 6.59
C ALA A 89 -17.62 3.16 5.89
N LYS A 90 -18.91 3.42 6.05
CA LYS A 90 -19.96 2.62 5.42
C LYS A 90 -19.74 2.63 3.91
N PRO A 91 -20.06 1.52 3.22
CA PRO A 91 -19.87 1.47 1.76
C PRO A 91 -20.60 2.56 0.98
N SER A 92 -21.82 2.89 1.40
CA SER A 92 -22.57 3.94 0.70
C SER A 92 -21.83 5.27 0.79
N VAL A 93 -21.30 5.59 1.96
CA VAL A 93 -20.59 6.84 2.14
C VAL A 93 -19.22 6.78 1.46
N ALA A 94 -18.57 5.63 1.53
CA ALA A 94 -17.26 5.45 0.90
C ALA A 94 -17.39 5.70 -0.59
N MET A 95 -18.38 5.07 -1.21
CA MET A 95 -18.61 5.22 -2.64
C MET A 95 -18.84 6.68 -2.98
N ASP A 96 -19.65 7.35 -2.16
CA ASP A 96 -19.97 8.76 -2.36
C ASP A 96 -18.70 9.61 -2.37
N ILE A 97 -17.87 9.44 -1.35
CA ILE A 97 -16.63 10.21 -1.25
C ILE A 97 -15.68 9.92 -2.41
N LEU A 98 -15.57 8.65 -2.80
CA LEU A 98 -14.70 8.29 -3.91
C LEU A 98 -15.19 8.95 -5.21
N ASN A 99 -16.51 9.02 -5.39
CA ASN A 99 -17.06 9.66 -6.58
C ASN A 99 -16.67 11.15 -6.57
N ARG A 100 -16.78 11.79 -5.41
CA ARG A 100 -16.45 13.20 -5.30
C ARG A 100 -14.98 13.46 -5.63
N VAL A 101 -14.09 12.61 -5.13
CA VAL A 101 -12.66 12.73 -5.38
C VAL A 101 -12.38 12.59 -6.88
N TYR A 102 -13.04 11.62 -7.50
CA TYR A 102 -12.88 11.38 -8.93
C TYR A 102 -13.34 12.63 -9.71
N GLN A 103 -14.53 13.10 -9.37
CA GLN A 103 -15.11 14.28 -10.01
C GLN A 103 -14.18 15.49 -9.82
N GLY A 104 -13.67 15.66 -8.61
CA GLY A 104 -12.79 16.79 -8.32
C GLY A 104 -11.48 16.77 -9.08
N LEU A 105 -10.86 15.61 -9.19
CA LEU A 105 -9.60 15.48 -9.91
C LEU A 105 -9.82 15.75 -11.41
N LYS A 106 -10.94 15.28 -11.93
CA LYS A 106 -11.28 15.50 -13.33
C LYS A 106 -11.40 17.00 -13.56
N GLU A 107 -12.06 17.68 -12.61
CA GLU A 107 -12.26 19.12 -12.71
C GLU A 107 -10.93 19.86 -12.72
N ARG A 108 -9.94 19.32 -12.00
CA ARG A 108 -8.61 19.93 -11.93
C ARG A 108 -7.86 19.77 -13.26
N GLY A 109 -8.43 19.03 -14.19
CA GLY A 109 -7.80 18.85 -15.50
C GLY A 109 -6.99 17.60 -15.77
N PHE A 110 -6.88 16.71 -14.79
CA PHE A 110 -6.12 15.47 -14.99
C PHE A 110 -6.90 14.45 -15.78
N ASN A 111 -6.20 13.46 -16.34
CA ASN A 111 -6.84 12.38 -17.06
C ASN A 111 -6.98 11.36 -15.94
N VAL A 112 -8.20 11.23 -15.41
CA VAL A 112 -8.46 10.34 -14.30
C VAL A 112 -9.18 9.04 -14.65
N GLY A 113 -8.72 7.94 -14.06
CA GLY A 113 -9.35 6.66 -14.29
C GLY A 113 -9.75 6.13 -12.92
N LYS A 114 -10.52 5.05 -12.88
CA LYS A 114 -10.94 4.47 -11.62
C LYS A 114 -11.29 3.00 -11.75
N ALA A 115 -11.21 2.27 -10.65
CA ALA A 115 -11.57 0.86 -10.63
C ALA A 115 -12.93 0.75 -9.95
N PRO A 116 -13.78 -0.19 -10.41
CA PRO A 116 -15.11 -0.41 -9.86
C PRO A 116 -15.12 -0.56 -8.34
N PHE A 117 -16.18 -0.08 -7.71
CA PHE A 117 -16.35 -0.12 -6.25
C PHE A 117 -17.21 -1.30 -5.80
N GLY A 118 -16.75 -1.98 -4.74
CA GLY A 118 -17.49 -3.09 -4.18
C GLY A 118 -17.06 -4.47 -4.65
N TYR A 119 -15.82 -4.61 -5.11
CA TYR A 119 -15.36 -5.89 -5.61
C TYR A 119 -14.04 -6.39 -5.05
N TYR A 120 -13.82 -7.70 -5.18
CA TYR A 120 -12.56 -8.32 -4.81
C TYR A 120 -11.87 -8.13 -6.14
N MET A 121 -10.66 -7.56 -6.12
CA MET A 121 -9.98 -7.23 -7.36
C MET A 121 -8.49 -7.51 -7.38
N ALA A 122 -8.01 -8.17 -8.43
CA ALA A 122 -6.59 -8.44 -8.56
C ALA A 122 -6.00 -7.24 -9.29
N PHE A 123 -4.72 -6.96 -9.06
CA PHE A 123 -4.11 -5.84 -9.74
C PHE A 123 -2.61 -6.02 -9.90
N LYS A 124 -2.05 -5.35 -10.90
CA LYS A 124 -0.63 -5.39 -11.16
C LYS A 124 -0.18 -3.94 -11.22
N ILE A 125 0.95 -3.64 -10.60
CA ILE A 125 1.45 -2.27 -10.62
C ILE A 125 2.99 -2.31 -10.69
N SER A 126 3.57 -1.25 -11.22
CA SER A 126 5.02 -1.15 -11.32
C SER A 126 5.43 0.24 -10.84
N CYS A 127 5.93 0.30 -9.62
CA CYS A 127 6.34 1.57 -9.03
C CYS A 127 7.68 2.01 -9.62
N LYS A 128 7.75 3.26 -10.09
CA LYS A 128 8.96 3.80 -10.70
C LYS A 128 10.14 3.85 -9.73
N GLY A 129 9.84 3.95 -8.44
CA GLY A 129 10.88 3.98 -7.43
C GLY A 129 11.67 5.26 -7.28
N HIS A 130 11.20 6.36 -7.87
CA HIS A 130 11.88 7.64 -7.76
C HIS A 130 11.55 8.25 -6.38
N PRO A 131 12.32 9.25 -5.94
CA PRO A 131 12.13 9.91 -4.65
C PRO A 131 10.71 10.16 -4.11
N LEU A 132 9.79 10.57 -4.97
CA LEU A 132 8.43 10.85 -4.53
C LEU A 132 7.40 9.90 -5.13
N ALA A 133 7.87 8.73 -5.54
CA ALA A 133 7.00 7.73 -6.15
C ALA A 133 6.14 6.96 -5.16
N GLU A 134 6.46 7.06 -3.87
CA GLU A 134 5.70 6.38 -2.83
C GLU A 134 5.45 7.36 -1.70
N LEU A 135 4.19 7.73 -1.50
CA LEU A 135 3.82 8.68 -0.45
C LEU A 135 2.47 8.31 0.15
N SER A 136 2.28 8.59 1.43
CA SER A 136 1.01 8.30 2.05
C SER A 136 0.45 9.58 2.62
N ARG A 137 -0.87 9.67 2.67
CA ARG A 137 -1.53 10.85 3.19
C ARG A 137 -2.71 10.42 4.04
N THR A 138 -2.85 11.04 5.21
CA THR A 138 -3.97 10.76 6.10
C THR A 138 -4.78 12.04 6.08
N ILE A 139 -6.05 11.91 5.70
CA ILE A 139 -6.95 13.04 5.59
C ILE A 139 -8.21 12.79 6.41
N VAL A 140 -8.51 13.72 7.32
CA VAL A 140 -9.68 13.59 8.16
C VAL A 140 -10.41 14.92 8.28
N PRO A 141 -11.68 14.89 8.70
CA PRO A 141 -12.45 16.13 8.84
C PRO A 141 -11.86 17.04 9.92
N GLU A 142 -12.10 18.34 9.79
CA GLU A 142 -11.63 19.31 10.78
C GLU A 142 -12.42 18.95 12.03
N GLU A 143 -11.76 18.35 13.02
CA GLU A 143 -12.40 17.94 14.25
C GLU A 143 -12.59 19.07 15.26
N MET B 1 3.95 0.72 14.35
CA MET B 1 4.32 0.07 13.06
C MET B 1 3.13 -0.03 12.14
N ARG B 2 3.37 0.18 10.85
CA ARG B 2 2.33 0.08 9.84
C ARG B 2 2.71 -1.07 8.93
N VAL B 3 1.79 -1.99 8.71
CA VAL B 3 2.05 -3.14 7.85
C VAL B 3 0.97 -3.32 6.80
N LEU B 4 1.37 -3.42 5.54
CA LEU B 4 0.44 -3.64 4.44
C LEU B 4 0.80 -5.01 3.87
N LEU B 5 -0.14 -5.95 3.98
CA LEU B 5 0.08 -7.31 3.51
C LEU B 5 -0.60 -7.56 2.18
N ILE B 6 0.18 -7.94 1.18
CA ILE B 6 -0.37 -8.22 -0.15
C ILE B 6 -0.01 -9.63 -0.61
N HIS B 7 -1.03 -10.49 -0.71
CA HIS B 7 -0.79 -11.86 -1.17
C HIS B 7 -0.64 -11.76 -2.68
N SER B 8 0.56 -12.03 -3.18
CA SER B 8 0.86 -11.87 -4.59
C SER B 8 1.39 -13.05 -5.39
N ASP B 9 1.21 -12.95 -6.71
CA ASP B 9 1.70 -13.95 -7.64
C ASP B 9 3.22 -13.77 -7.66
N TYR B 10 3.65 -12.53 -7.47
CA TYR B 10 5.08 -12.23 -7.45
C TYR B 10 5.39 -10.84 -6.91
N ILE B 11 6.65 -10.64 -6.54
CA ILE B 11 7.14 -9.36 -6.08
C ILE B 11 8.52 -9.30 -6.74
N GLU B 12 8.83 -8.18 -7.38
CA GLU B 12 10.10 -8.00 -8.07
C GLU B 12 10.59 -6.61 -7.70
N TYR B 13 11.86 -6.48 -7.36
CA TYR B 13 12.36 -5.16 -7.00
C TYR B 13 13.69 -4.83 -7.65
N GLU B 14 13.98 -3.53 -7.72
CA GLU B 14 15.20 -3.04 -8.32
C GLU B 14 15.67 -1.82 -7.54
N VAL B 15 16.87 -1.93 -6.96
CA VAL B 15 17.43 -0.82 -6.20
C VAL B 15 17.85 0.28 -7.17
N LYS B 16 17.55 1.53 -6.81
CA LYS B 16 17.94 2.66 -7.65
C LYS B 16 19.25 3.20 -7.07
N ASP B 17 19.13 4.04 -6.06
CA ASP B 17 20.30 4.62 -5.38
C ASP B 17 19.91 4.81 -3.93
N LYS B 18 20.90 5.05 -3.07
CA LYS B 18 20.63 5.22 -1.64
C LYS B 18 19.72 6.39 -1.30
N ALA B 19 18.90 6.20 -0.27
CA ALA B 19 17.95 7.22 0.17
C ALA B 19 18.37 7.73 1.54
N LEU B 20 19.35 7.07 2.14
CA LEU B 20 19.87 7.44 3.45
C LEU B 20 21.38 7.57 3.31
N LYS B 21 22.01 8.24 4.26
CA LYS B 21 23.46 8.43 4.22
C LYS B 21 24.22 7.10 4.23
N ASN B 22 23.85 6.21 5.14
CA ASN B 22 24.49 4.92 5.29
C ASN B 22 23.48 3.77 5.20
N PRO B 23 23.14 3.36 3.98
CA PRO B 23 22.19 2.25 3.79
C PRO B 23 22.83 0.91 4.08
N GLU B 24 22.03 -0.15 3.97
CA GLU B 24 22.51 -1.50 4.19
C GLU B 24 23.47 -1.84 3.06
N PRO B 25 24.70 -2.26 3.41
CA PRO B 25 25.68 -2.61 2.36
C PRO B 25 25.10 -3.71 1.49
N ILE B 26 25.35 -3.65 0.20
CA ILE B 26 24.82 -4.67 -0.70
C ILE B 26 25.78 -5.07 -1.80
N SER B 27 25.67 -6.33 -2.23
CA SER B 27 26.48 -6.85 -3.31
C SER B 27 25.66 -6.62 -4.57
N GLU B 28 26.29 -6.79 -5.72
CA GLU B 28 25.61 -6.57 -6.99
C GLU B 28 24.35 -7.41 -7.13
N ASP B 29 24.42 -8.66 -6.72
CA ASP B 29 23.27 -9.56 -6.81
C ASP B 29 22.07 -9.12 -5.97
N MET B 30 22.33 -8.34 -4.93
CA MET B 30 21.26 -7.86 -4.05
C MET B 30 20.51 -6.65 -4.60
N LYS B 31 20.97 -6.10 -5.72
CA LYS B 31 20.33 -4.93 -6.31
C LYS B 31 18.98 -5.26 -6.94
N ARG B 32 18.75 -6.54 -7.20
CA ARG B 32 17.50 -6.99 -7.80
C ARG B 32 17.03 -8.23 -7.06
N GLY B 33 15.73 -8.49 -7.09
CA GLY B 33 15.20 -9.66 -6.42
C GLY B 33 13.79 -9.98 -6.88
N ARG B 34 13.40 -11.25 -6.71
CA ARG B 34 12.08 -11.69 -7.09
C ARG B 34 11.66 -12.91 -6.28
N MET B 35 10.37 -12.98 -5.94
CA MET B 35 9.81 -14.11 -5.19
C MET B 35 8.39 -14.31 -5.71
N GLU B 36 7.96 -15.56 -5.83
CA GLU B 36 6.63 -15.83 -6.35
C GLU B 36 5.70 -16.51 -5.32
N GLU B 37 4.39 -16.46 -5.56
CA GLU B 37 3.40 -17.05 -4.64
C GLU B 37 3.84 -16.63 -3.25
N VAL B 38 3.77 -15.32 -3.00
CA VAL B 38 4.27 -14.78 -1.75
C VAL B 38 3.40 -13.74 -1.07
N LEU B 39 3.44 -13.74 0.26
CA LEU B 39 2.72 -12.75 1.05
C LEU B 39 3.73 -11.63 1.24
N VAL B 40 3.48 -10.49 0.61
CA VAL B 40 4.39 -9.36 0.71
C VAL B 40 4.03 -8.50 1.90
N ALA B 41 4.99 -8.24 2.77
CA ALA B 41 4.76 -7.42 3.95
C ALA B 41 5.51 -6.10 3.82
N PHE B 42 4.79 -5.06 3.41
CA PHE B 42 5.38 -3.72 3.27
C PHE B 42 5.34 -3.18 4.69
N ILE B 43 6.51 -2.84 5.23
CA ILE B 43 6.56 -2.39 6.61
C ILE B 43 7.17 -1.02 6.82
N SER B 44 6.52 -0.24 7.68
CA SER B 44 6.98 1.08 8.03
C SER B 44 7.14 1.05 9.55
N VAL B 45 8.36 1.27 10.04
CA VAL B 45 8.59 1.27 11.46
C VAL B 45 8.34 2.70 11.93
N GLU B 46 7.46 2.85 12.90
CA GLU B 46 7.10 4.18 13.40
C GLU B 46 7.84 4.62 14.65
N LYS B 47 7.80 5.93 14.91
CA LYS B 47 8.48 6.49 16.06
C LYS B 47 8.06 5.79 17.35
N VAL B 48 6.76 5.60 17.51
CA VAL B 48 6.25 4.95 18.70
C VAL B 48 6.90 3.59 18.95
N ASP B 49 7.31 2.91 17.89
CA ASP B 49 7.94 1.60 18.01
C ASP B 49 9.27 1.61 18.74
N GLU B 50 9.91 2.78 18.80
CA GLU B 50 11.20 2.90 19.48
C GLU B 50 11.06 2.65 20.97
N LYS B 51 9.84 2.75 21.49
CA LYS B 51 9.60 2.54 22.91
C LYS B 51 9.84 1.09 23.32
N ASN B 52 9.59 0.17 22.39
CA ASN B 52 9.78 -1.25 22.68
C ASN B 52 9.93 -2.06 21.40
N PRO B 53 11.13 -2.05 20.81
CA PRO B 53 11.43 -2.78 19.57
C PRO B 53 11.06 -4.26 19.61
N GLU B 54 11.44 -4.96 20.67
CA GLU B 54 11.13 -6.38 20.78
C GLU B 54 9.62 -6.64 20.74
N GLU B 55 8.89 -5.93 21.58
CA GLU B 55 7.44 -6.10 21.63
C GLU B 55 6.79 -5.93 20.26
N VAL B 56 7.08 -4.82 19.60
CA VAL B 56 6.50 -4.56 18.29
C VAL B 56 6.85 -5.67 17.32
N SER B 57 8.13 -6.07 17.32
CA SER B 57 8.60 -7.13 16.42
C SER B 57 7.88 -8.45 16.66
N LEU B 58 7.71 -8.82 17.92
CA LEU B 58 7.04 -10.07 18.27
C LEU B 58 5.61 -10.10 17.79
N LYS B 59 4.92 -8.97 17.94
CA LYS B 59 3.54 -8.86 17.52
C LYS B 59 3.44 -8.88 15.99
N ALA B 60 4.37 -8.20 15.33
CA ALA B 60 4.38 -8.15 13.87
C ALA B 60 4.57 -9.56 13.30
N ILE B 61 5.53 -10.29 13.86
CA ILE B 61 5.80 -11.65 13.42
C ILE B 61 4.55 -12.53 13.57
N GLU B 62 3.86 -12.37 14.69
CA GLU B 62 2.66 -13.14 14.97
C GLU B 62 1.56 -12.82 13.97
N GLU B 63 1.31 -11.54 13.77
CA GLU B 63 0.26 -11.11 12.84
C GLU B 63 0.55 -11.56 11.42
N ILE B 64 1.76 -11.31 10.97
CA ILE B 64 2.15 -11.70 9.61
C ILE B 64 2.03 -13.20 9.41
N SER B 65 2.49 -13.97 10.38
CA SER B 65 2.42 -15.42 10.30
C SER B 65 0.98 -15.92 10.24
N LYS B 66 0.10 -15.30 11.03
CA LYS B 66 -1.30 -15.71 11.04
C LYS B 66 -1.95 -15.48 9.68
N VAL B 67 -1.60 -14.36 9.05
CA VAL B 67 -2.17 -14.05 7.74
C VAL B 67 -1.65 -15.04 6.70
N ALA B 68 -0.33 -15.26 6.70
CA ALA B 68 0.26 -16.19 5.75
C ALA B 68 -0.41 -17.55 5.88
N GLU B 69 -0.68 -17.96 7.12
CA GLU B 69 -1.33 -19.26 7.36
C GLU B 69 -2.74 -19.20 6.80
N GLN B 70 -3.41 -18.07 7.04
CA GLN B 70 -4.78 -17.88 6.58
C GLN B 70 -4.86 -17.94 5.06
N VAL B 71 -3.91 -17.32 4.36
CA VAL B 71 -3.93 -17.32 2.90
C VAL B 71 -3.16 -18.49 2.28
N LYS B 72 -2.65 -19.39 3.11
CA LYS B 72 -1.91 -20.56 2.65
C LYS B 72 -0.58 -20.25 1.96
N ALA B 73 0.08 -19.19 2.39
CA ALA B 73 1.36 -18.81 1.80
C ALA B 73 2.53 -19.40 2.57
N GLU B 74 3.52 -19.89 1.84
CA GLU B 74 4.72 -20.47 2.44
C GLU B 74 5.89 -19.52 2.28
N ASN B 75 5.75 -18.56 1.37
CA ASN B 75 6.79 -17.58 1.10
C ASN B 75 6.34 -16.22 1.65
N VAL B 76 7.24 -15.51 2.31
CA VAL B 76 6.91 -14.18 2.83
C VAL B 76 8.05 -13.28 2.43
N PHE B 77 7.75 -12.04 2.06
CA PHE B 77 8.80 -11.11 1.66
C PHE B 77 8.69 -9.81 2.45
N VAL B 78 9.72 -9.49 3.22
CA VAL B 78 9.74 -8.27 4.03
C VAL B 78 10.27 -7.13 3.17
N TYR B 79 9.43 -6.12 2.97
CA TYR B 79 9.76 -4.99 2.11
C TYR B 79 9.77 -3.66 2.86
N PRO B 80 10.96 -3.08 3.11
CA PRO B 80 11.03 -1.80 3.81
C PRO B 80 10.24 -0.78 3.00
N PHE B 81 9.18 -0.22 3.61
CA PHE B 81 8.32 0.74 2.93
C PHE B 81 8.05 1.88 3.92
N ALA B 82 9.03 2.76 4.08
CA ALA B 82 8.92 3.87 5.01
C ALA B 82 7.69 4.76 4.86
N HIS B 83 7.34 5.12 3.63
CA HIS B 83 6.20 6.01 3.40
C HIS B 83 4.80 5.47 3.61
N LEU B 84 4.69 4.37 4.35
CA LEU B 84 3.38 3.80 4.64
C LEU B 84 2.86 4.57 5.85
N SER B 85 3.75 5.31 6.51
CA SER B 85 3.41 6.11 7.68
C SER B 85 4.02 7.50 7.57
N SER B 86 3.56 8.40 8.43
CA SER B 86 4.04 9.78 8.44
C SER B 86 5.04 10.01 9.57
N GLU B 87 5.02 9.15 10.58
CA GLU B 87 5.90 9.26 11.73
C GLU B 87 6.88 8.09 11.78
N LEU B 88 8.02 8.26 11.13
CA LEU B 88 9.04 7.22 11.05
C LEU B 88 10.00 7.18 12.23
N ALA B 89 10.45 5.98 12.57
CA ALA B 89 11.40 5.79 13.66
C ALA B 89 12.80 5.96 13.09
N LYS B 90 13.77 6.19 13.98
CA LYS B 90 15.17 6.34 13.56
C LYS B 90 15.50 5.20 12.63
N PRO B 91 16.38 5.44 11.63
CA PRO B 91 16.75 4.36 10.71
C PRO B 91 17.44 3.18 11.37
N SER B 92 18.26 3.46 12.40
CA SER B 92 18.95 2.38 13.11
C SER B 92 17.93 1.48 13.79
N VAL B 93 16.90 2.08 14.38
CA VAL B 93 15.86 1.33 15.04
C VAL B 93 14.99 0.59 14.02
N ALA B 94 14.68 1.26 12.92
CA ALA B 94 13.87 0.68 11.87
C ALA B 94 14.54 -0.57 11.31
N MET B 95 15.84 -0.47 11.06
CA MET B 95 16.60 -1.58 10.52
C MET B 95 16.64 -2.79 11.46
N ASP B 96 16.84 -2.55 12.75
CA ASP B 96 16.92 -3.63 13.73
C ASP B 96 15.58 -4.35 13.84
N ILE B 97 14.49 -3.60 13.87
CA ILE B 97 13.16 -4.18 13.97
C ILE B 97 12.83 -4.96 12.70
N LEU B 98 13.12 -4.37 11.54
CA LEU B 98 12.86 -5.07 10.28
C LEU B 98 13.64 -6.38 10.26
N ASN B 99 14.88 -6.34 10.74
CA ASN B 99 15.70 -7.55 10.80
C ASN B 99 15.12 -8.58 11.76
N ARG B 100 14.54 -8.10 12.86
CA ARG B 100 13.94 -8.99 13.85
C ARG B 100 12.73 -9.72 13.27
N VAL B 101 11.91 -8.98 12.55
CA VAL B 101 10.71 -9.53 11.93
C VAL B 101 11.10 -10.58 10.91
N TYR B 102 12.03 -10.20 10.04
CA TYR B 102 12.52 -11.12 9.01
C TYR B 102 12.96 -12.45 9.65
N GLN B 103 13.79 -12.37 10.68
CA GLN B 103 14.30 -13.57 11.34
C GLN B 103 13.20 -14.31 12.10
N GLY B 104 12.30 -13.57 12.72
CA GLY B 104 11.21 -14.19 13.45
C GLY B 104 10.36 -15.03 12.51
N LEU B 105 10.10 -14.52 11.32
CA LEU B 105 9.31 -15.24 10.33
C LEU B 105 10.04 -16.48 9.85
N LYS B 106 11.36 -16.38 9.70
CA LYS B 106 12.16 -17.53 9.28
C LYS B 106 12.08 -18.58 10.38
N GLU B 107 12.11 -18.13 11.63
CA GLU B 107 12.03 -19.06 12.76
C GLU B 107 10.73 -19.86 12.71
N ARG B 108 9.68 -19.27 12.17
CA ARG B 108 8.39 -19.95 12.08
C ARG B 108 8.41 -21.04 11.01
N GLY B 109 9.49 -21.09 10.24
CA GLY B 109 9.60 -22.12 9.21
C GLY B 109 9.23 -21.65 7.81
N PHE B 110 8.90 -20.37 7.67
CA PHE B 110 8.55 -19.82 6.37
C PHE B 110 9.78 -19.61 5.53
N ASN B 111 9.58 -19.52 4.21
CA ASN B 111 10.66 -19.24 3.29
C ASN B 111 10.55 -17.72 3.19
N VAL B 112 11.50 -17.01 3.80
CA VAL B 112 11.44 -15.56 3.83
C VAL B 112 12.53 -14.79 3.08
N GLY B 113 12.12 -13.72 2.42
CA GLY B 113 13.04 -12.88 1.67
C GLY B 113 12.95 -11.45 2.21
N LYS B 114 13.92 -10.61 1.86
CA LYS B 114 13.91 -9.22 2.32
C LYS B 114 14.65 -8.32 1.34
N ALA B 115 14.12 -7.12 1.15
CA ALA B 115 14.75 -6.16 0.25
C ALA B 115 15.73 -5.32 1.07
N PRO B 116 16.79 -4.82 0.43
CA PRO B 116 17.81 -4.00 1.11
C PRO B 116 17.19 -2.77 1.78
N PHE B 117 17.76 -2.37 2.92
CA PHE B 117 17.29 -1.23 3.68
C PHE B 117 18.07 0.05 3.37
N GLY B 118 17.35 1.15 3.17
CA GLY B 118 17.98 2.44 2.91
C GLY B 118 18.07 2.91 1.48
N TYR B 119 17.22 2.40 0.59
CA TYR B 119 17.30 2.78 -0.81
C TYR B 119 15.99 3.24 -1.44
N TYR B 120 16.13 3.93 -2.58
CA TYR B 120 14.98 4.34 -3.37
C TYR B 120 14.86 3.03 -4.14
N MET B 121 13.66 2.49 -4.25
CA MET B 121 13.50 1.20 -4.91
C MET B 121 12.27 1.11 -5.80
N ALA B 122 12.46 0.55 -6.99
CA ALA B 122 11.34 0.35 -7.91
C ALA B 122 10.85 -1.07 -7.63
N PHE B 123 9.57 -1.33 -7.82
CA PHE B 123 9.06 -2.68 -7.60
C PHE B 123 7.85 -2.98 -8.45
N LYS B 124 7.63 -4.26 -8.72
CA LYS B 124 6.49 -4.71 -9.49
C LYS B 124 5.80 -5.75 -8.64
N ILE B 125 4.47 -5.69 -8.57
CA ILE B 125 3.73 -6.65 -7.77
C ILE B 125 2.43 -6.99 -8.46
N SER B 126 1.94 -8.21 -8.22
CA SER B 126 0.69 -8.68 -8.79
C SER B 126 -0.12 -9.27 -7.66
N CYS B 127 -1.11 -8.52 -7.17
CA CYS B 127 -1.97 -8.97 -6.08
C CYS B 127 -2.99 -9.97 -6.60
N LYS B 128 -3.16 -11.09 -5.88
CA LYS B 128 -4.11 -12.13 -6.30
C LYS B 128 -5.57 -11.67 -6.30
N GLY B 129 -5.87 -10.65 -5.52
CA GLY B 129 -7.24 -10.13 -5.48
C GLY B 129 -8.32 -10.96 -4.82
N HIS B 130 -7.96 -12.11 -4.26
CA HIS B 130 -8.94 -12.96 -3.59
C HIS B 130 -9.17 -12.43 -2.17
N PRO B 131 -10.13 -13.01 -1.44
CA PRO B 131 -10.34 -12.52 -0.07
C PRO B 131 -9.05 -12.67 0.74
N LEU B 132 -8.80 -11.72 1.63
CA LEU B 132 -7.62 -11.71 2.50
C LEU B 132 -6.32 -11.39 1.78
N ALA B 133 -6.41 -11.14 0.47
CA ALA B 133 -5.22 -10.82 -0.32
C ALA B 133 -4.68 -9.43 -0.02
N GLU B 134 -5.51 -8.59 0.60
CA GLU B 134 -5.11 -7.22 0.96
C GLU B 134 -5.55 -6.92 2.39
N LEU B 135 -4.58 -6.81 3.27
CA LEU B 135 -4.87 -6.56 4.68
C LEU B 135 -3.83 -5.60 5.26
N SER B 136 -4.19 -4.89 6.31
CA SER B 136 -3.25 -3.96 6.92
C SER B 136 -3.29 -4.13 8.44
N ARG B 137 -2.20 -3.77 9.09
CA ARG B 137 -2.11 -3.89 10.54
C ARG B 137 -1.33 -2.72 11.12
N THR B 138 -1.85 -2.15 12.19
CA THR B 138 -1.16 -1.07 12.87
C THR B 138 -0.79 -1.68 14.21
N ILE B 139 0.51 -1.78 14.45
CA ILE B 139 1.02 -2.37 15.68
C ILE B 139 1.79 -1.35 16.50
N VAL B 140 1.30 -1.09 17.71
CA VAL B 140 1.93 -0.13 18.62
C VAL B 140 2.23 -0.78 19.96
N PRO B 141 3.44 -0.57 20.50
CA PRO B 141 3.88 -1.14 21.79
C PRO B 141 3.20 -0.56 23.04
N GLU B 142 3.33 -1.31 24.14
CA GLU B 142 2.77 -0.97 25.46
C GLU B 142 2.31 0.48 25.58
C A3T C . -11.42 -3.53 -2.22
N A3T C . -9.40 -3.78 -3.59
O A3T C . -10.76 -2.72 -1.35
N1 A3T C . -13.02 2.44 1.46
C2 A3T C . -12.71 2.08 0.22
N3 A3T C . -13.38 1.14 -0.42
C4 A3T C . -14.41 0.51 0.17
C5 A3T C . -14.77 0.85 1.47
C6 A3T C . -14.04 1.86 2.11
N6 A3T C . -14.37 2.24 3.34
N7 A3T C . -15.78 0.08 1.83
C8 A3T C . -16.06 -0.72 0.80
N8 A3T C . -12.75 -3.56 -2.35
N9 A3T C . -15.24 -0.46 -0.21
CA A3T C . -10.62 -4.47 -3.12
CB A3T C . -10.22 -5.72 -2.34
OG A3T C . -9.64 -6.68 -3.23
C1' A3T C . -15.34 -1.08 -1.55
C2' A3T C . -14.00 -1.40 -2.22
O2' A3T C . -14.21 -1.60 -3.62
C3' A3T C . -13.66 -2.73 -1.54
C4' A3T C . -15.03 -3.40 -1.48
O4' A3T C . -16.00 -2.34 -1.40
C5' A3T C . -15.08 -4.28 -0.22
O5' A3T C . -14.75 -3.51 0.94
CG2 A3T C . -11.40 -6.32 -1.58
C A3T D . 11.85 2.99 1.00
N A3T D . 10.63 1.73 -0.72
O A3T D . 10.74 3.03 1.78
N1 A3T D . 10.61 2.06 8.06
C2 A3T D . 10.93 1.34 7.00
N3 A3T D . 11.95 1.67 6.22
C4 A3T D . 12.69 2.75 6.50
C5 A3T D . 12.37 3.53 7.60
C6 A3T D . 11.30 3.15 8.39
N6 A3T D . 10.97 3.86 9.48
N7 A3T D . 13.25 4.53 7.65
C8 A3T D . 14.08 4.38 6.63
N8 A3T D . 13.08 3.15 1.46
N9 A3T D . 13.76 3.30 5.93
CA A3T D . 11.69 2.72 -0.50
CB A3T D . 11.34 4.02 -1.23
OG A3T D . 11.44 3.81 -2.63
C1' A3T D . 14.55 2.75 4.80
C2' A3T D . 13.70 2.16 3.67
O2' A3T D . 14.51 1.28 2.90
C3' A3T D . 13.41 3.43 2.86
C4' A3T D . 14.76 4.14 2.93
O4' A3T D . 15.29 3.85 4.23
C5' A3T D . 14.51 5.65 2.79
O5' A3T D . 13.59 6.06 3.82
CG2 A3T D . 12.24 5.17 -0.77
#